data_2IF6
#
_entry.id   2IF6
#
_cell.length_a   32.345
_cell.length_b   152.594
_cell.length_c   48.740
_cell.angle_alpha   90.00
_cell.angle_beta   92.67
_cell.angle_gamma   90.00
#
_symmetry.space_group_name_H-M   'P 1 21 1'
#
loop_
_entity.id
_entity.type
_entity.pdbx_description
1 polymer 'Hypothetical protein yiiX'
2 non-polymer 'UNKNOWN ATOM OR ION'
3 water water
#
_entity_poly.entity_id   1
_entity_poly.type   'polypeptide(L)'
_entity_poly.pdbx_seq_one_letter_code
;SLWQPQTGDIIFQISRSSQSKAIQLATHSDYSHTGMLVMRNKKPYVFEAVGPVKYTPLKQWIAHGEKGKYVVRRVEGGLS
VEQQQKLAQTAKRYLGKPYDFSFSWSDDRQYCSEVVWKVYQNALGMRVGEQQKLKEFDLSNPLVQAKLKERYGKNIPLEE
TVVSPQAVFDAPQLTTVAKEWPLFSW
;
_entity_poly.pdbx_strand_id   A,B
#
# COMPACT_ATOMS: atom_id res chain seq x y z
N TRP A 3 -12.77 7.87 2.23
CA TRP A 3 -13.70 6.73 2.53
C TRP A 3 -14.92 7.23 3.31
N GLN A 4 -16.10 6.87 2.82
CA GLN A 4 -17.38 7.12 3.48
C GLN A 4 -17.84 5.73 3.98
N PRO A 5 -17.72 5.45 5.30
CA PRO A 5 -18.14 4.14 5.78
C PRO A 5 -19.57 3.82 5.38
N GLN A 6 -19.76 2.58 4.96
CA GLN A 6 -21.11 2.07 4.63
C GLN A 6 -21.30 0.72 5.29
N THR A 7 -22.55 0.43 5.66
CA THR A 7 -22.89 -0.85 6.26
C THR A 7 -22.50 -1.98 5.31
N GLY A 8 -21.85 -3.00 5.86
CA GLY A 8 -21.30 -4.06 5.05
C GLY A 8 -19.81 -3.97 4.72
N ASP A 9 -19.17 -2.79 4.81
CA ASP A 9 -17.73 -2.68 4.54
C ASP A 9 -17.00 -3.61 5.50
N ILE A 10 -16.05 -4.37 4.98
CA ILE A 10 -15.35 -5.33 5.83
C ILE A 10 -13.99 -4.75 6.13
N ILE A 11 -13.65 -4.70 7.42
CA ILE A 11 -12.45 -4.00 7.84
C ILE A 11 -11.48 -4.98 8.50
N PHE A 12 -10.17 -4.78 8.29
CA PHE A 12 -9.16 -5.76 8.71
C PHE A 12 -8.07 -5.00 9.47
N GLN A 13 -7.45 -5.66 10.45
CA GLN A 13 -6.39 -5.05 11.22
C GLN A 13 -5.48 -6.17 11.73
N ILE A 14 -4.39 -5.75 12.35
CA ILE A 14 -3.48 -6.63 13.07
C ILE A 14 -3.88 -6.62 14.53
N SER A 15 -4.41 -7.75 14.98
CA SER A 15 -4.73 -7.95 16.40
C SER A 15 -3.45 -7.80 17.30
N ARG A 16 -3.63 -7.27 18.50
CA ARG A 16 -2.57 -7.23 19.52
C ARG A 16 -2.62 -8.45 20.48
N SER A 17 -3.57 -9.34 20.27
CA SER A 17 -3.69 -10.58 21.06
C SER A 17 -2.51 -11.51 20.82
N SER A 18 -2.27 -12.41 21.78
CA SER A 18 -1.12 -13.34 21.71
C SER A 18 -1.22 -14.36 20.57
N GLN A 19 -2.43 -14.68 20.10
CA GLN A 19 -2.53 -15.56 18.94
C GLN A 19 -2.28 -14.87 17.60
N SER A 20 -2.10 -13.55 17.61
CA SER A 20 -2.10 -12.80 16.35
C SER A 20 -1.01 -13.24 15.38
N LYS A 21 0.20 -13.42 15.89
CA LYS A 21 1.32 -13.86 15.08
C LYS A 21 1.13 -15.25 14.48
N ALA A 22 0.67 -16.19 15.29
CA ALA A 22 0.38 -17.54 14.80
C ALA A 22 -0.64 -17.51 13.65
N ILE A 23 -1.70 -16.72 13.81
CA ILE A 23 -2.71 -16.57 12.79
C ILE A 23 -2.09 -16.02 11.50
N GLN A 24 -1.33 -14.95 11.60
CA GLN A 24 -0.67 -14.35 10.42
C GLN A 24 0.18 -15.39 9.66
N LEU A 25 0.91 -16.19 10.42
CA LEU A 25 1.79 -17.19 9.84
C LEU A 25 1.04 -18.35 9.18
N ALA A 26 0.09 -18.95 9.89
CA ALA A 26 -0.70 -20.05 9.37
C ALA A 26 -1.51 -19.66 8.12
N THR A 27 -1.89 -18.39 8.03
CA THR A 27 -2.84 -18.02 6.95
C THR A 27 -2.20 -17.21 5.85
N HIS A 28 -0.89 -17.01 6.00
CA HIS A 28 0.02 -16.25 5.14
C HIS A 28 -0.48 -14.83 4.95
N SER A 29 -0.70 -14.12 6.03
CA SER A 29 -1.49 -12.90 5.94
C SER A 29 -0.98 -11.92 6.96
N ASP A 30 -1.14 -10.64 6.66
CA ASP A 30 -1.05 -9.57 7.62
C ASP A 30 -2.27 -9.41 8.53
N TYR A 31 -3.41 -9.98 8.17
CA TYR A 31 -4.67 -9.67 8.86
C TYR A 31 -4.93 -10.71 9.91
N SER A 32 -5.14 -10.27 11.14
CA SER A 32 -5.45 -11.22 12.19
C SER A 32 -6.75 -10.91 12.94
N HIS A 33 -7.47 -9.85 12.50
CA HIS A 33 -8.81 -9.59 13.02
C HIS A 33 -9.64 -8.91 11.95
N THR A 34 -10.95 -9.15 11.95
CA THR A 34 -11.84 -8.53 10.95
C THR A 34 -13.19 -8.21 11.61
N GLY A 35 -13.89 -7.23 11.07
CA GLY A 35 -15.27 -6.97 11.49
C GLY A 35 -16.00 -6.33 10.31
N MET A 36 -17.29 -6.04 10.50
CA MET A 36 -18.11 -5.49 9.41
C MET A 36 -18.72 -4.21 9.90
N LEU A 37 -18.65 -3.19 9.06
CA LEU A 37 -19.22 -1.87 9.39
C LEU A 37 -20.75 -2.00 9.48
N VAL A 38 -21.34 -1.39 10.51
CA VAL A 38 -22.80 -1.19 10.58
C VAL A 38 -23.01 0.29 10.98
N MET A 39 -23.71 1.04 10.12
CA MET A 39 -24.10 2.41 10.42
C MET A 39 -25.34 2.37 11.31
N ARG A 40 -25.19 2.89 12.52
CA ARG A 40 -26.30 2.93 13.47
C ARG A 40 -26.59 4.39 13.75
N ASN A 41 -27.80 4.84 13.42
CA ASN A 41 -28.12 6.28 13.44
CA ASN A 41 -28.13 6.27 13.44
C ASN A 41 -27.05 7.09 12.73
N LYS A 42 -26.60 6.59 11.58
CA LYS A 42 -25.64 7.27 10.70
C LYS A 42 -24.21 7.39 11.29
N LYS A 43 -23.94 6.61 12.33
CA LYS A 43 -22.65 6.63 12.98
C LYS A 43 -22.02 5.27 12.75
N PRO A 44 -20.72 5.24 12.42
CA PRO A 44 -20.06 3.96 12.12
C PRO A 44 -19.64 3.13 13.33
N TYR A 45 -20.15 1.92 13.38
CA TYR A 45 -19.75 0.94 14.35
C TYR A 45 -19.16 -0.25 13.61
N VAL A 46 -18.31 -1.01 14.30
CA VAL A 46 -17.76 -2.24 13.76
C VAL A 46 -18.40 -3.43 14.52
N PHE A 47 -19.17 -4.23 13.78
CA PHE A 47 -19.75 -5.48 14.28
C PHE A 47 -18.65 -6.53 14.25
N GLU A 48 -18.29 -7.09 15.41
CA GLU A 48 -17.16 -8.01 15.47
C GLU A 48 -17.35 -9.10 16.53
N ALA A 49 -16.77 -10.27 16.29
CA ALA A 49 -16.82 -11.37 17.26
C ALA A 49 -15.55 -11.29 18.07
N VAL A 50 -15.65 -10.73 19.27
CA VAL A 50 -14.51 -10.70 20.21
C VAL A 50 -14.85 -11.25 21.60
N GLY A 51 -15.93 -12.01 21.72
CA GLY A 51 -16.35 -12.53 23.03
C GLY A 51 -16.84 -11.38 23.91
N PRO A 52 -18.08 -10.94 23.67
CA PRO A 52 -19.01 -11.57 22.75
C PRO A 52 -19.03 -10.90 21.35
N VAL A 53 -19.94 -11.34 20.49
CA VAL A 53 -20.22 -10.60 19.25
C VAL A 53 -20.92 -9.31 19.69
N LYS A 54 -20.48 -8.19 19.13
CA LYS A 54 -20.87 -6.87 19.64
C LYS A 54 -20.58 -5.79 18.61
N TYR A 55 -21.14 -4.61 18.86
CA TYR A 55 -20.79 -3.38 18.12
C TYR A 55 -19.77 -2.54 18.89
N THR A 56 -18.78 -2.04 18.17
CA THR A 56 -17.75 -1.18 18.73
C THR A 56 -17.64 0.09 17.90
N PRO A 57 -17.57 1.28 18.55
CA PRO A 57 -17.36 2.50 17.75
C PRO A 57 -16.11 2.40 16.87
N LEU A 58 -16.23 2.81 15.63
CA LEU A 58 -15.12 2.69 14.66
C LEU A 58 -13.79 3.30 15.14
N LYS A 59 -13.84 4.45 15.78
CA LYS A 59 -12.61 5.08 16.24
C LYS A 59 -11.91 4.15 17.21
N GLN A 60 -12.67 3.58 18.16
CA GLN A 60 -12.09 2.67 19.16
C GLN A 60 -11.58 1.35 18.51
N TRP A 61 -12.37 0.81 17.59
CA TRP A 61 -11.93 -0.39 16.86
C TRP A 61 -10.57 -0.21 16.17
N ILE A 62 -10.37 0.91 15.48
CA ILE A 62 -9.15 1.12 14.71
C ILE A 62 -7.94 1.28 15.65
N ALA A 63 -8.18 1.96 16.76
CA ALA A 63 -7.14 2.29 17.77
C ALA A 63 -6.60 1.01 18.39
N HIS A 64 -7.44 -0.02 18.45
CA HIS A 64 -7.05 -1.30 19.02
CA HIS A 64 -7.07 -1.32 19.00
C HIS A 64 -6.12 -2.12 18.09
N GLY A 65 -6.05 -1.76 16.81
CA GLY A 65 -5.18 -2.50 15.89
C GLY A 65 -3.75 -2.08 16.12
N GLU A 66 -2.82 -2.99 15.89
CA GLU A 66 -1.41 -2.62 15.99
C GLU A 66 -1.07 -1.47 15.03
N LYS A 67 -0.46 -0.43 15.58
CA LYS A 67 -0.05 0.75 14.83
C LYS A 67 -1.21 1.50 14.17
N GLY A 68 -2.45 1.18 14.57
CA GLY A 68 -3.64 1.83 14.00
C GLY A 68 -3.91 1.47 12.54
N LYS A 69 -3.22 0.45 12.01
CA LYS A 69 -3.31 0.11 10.58
C LYS A 69 -4.62 -0.59 10.29
N TYR A 70 -5.21 -0.30 9.13
CA TYR A 70 -6.44 -0.97 8.73
C TYR A 70 -6.59 -0.86 7.22
N VAL A 71 -7.39 -1.77 6.68
CA VAL A 71 -7.78 -1.72 5.25
C VAL A 71 -9.23 -2.13 5.22
N VAL A 72 -9.97 -1.55 4.28
CA VAL A 72 -11.41 -1.79 4.18
C VAL A 72 -11.75 -2.33 2.82
N ARG A 73 -12.53 -3.41 2.76
CA ARG A 73 -13.00 -3.95 1.49
C ARG A 73 -14.51 -3.75 1.38
N ARG A 74 -14.99 -3.56 0.17
CA ARG A 74 -16.43 -3.41 -0.08
C ARG A 74 -16.84 -4.16 -1.32
N VAL A 75 -18.10 -4.62 -1.37
CA VAL A 75 -18.51 -5.26 -2.60
C VAL A 75 -18.39 -4.26 -3.74
N GLU A 76 -17.78 -4.69 -4.84
CA GLU A 76 -17.45 -3.79 -5.94
C GLU A 76 -18.74 -3.21 -6.56
N GLY A 77 -18.74 -1.89 -6.72
CA GLY A 77 -19.97 -1.14 -7.14
C GLY A 77 -20.95 -0.79 -6.01
N GLY A 78 -20.66 -1.26 -4.80
CA GLY A 78 -21.45 -0.91 -3.62
C GLY A 78 -22.67 -1.78 -3.45
N LEU A 79 -23.21 -1.80 -2.22
CA LEU A 79 -24.48 -2.46 -1.88
C LEU A 79 -25.62 -1.43 -1.95
N SER A 80 -26.84 -1.90 -2.26
CA SER A 80 -28.02 -1.05 -2.22
C SER A 80 -28.40 -0.84 -0.76
N VAL A 81 -29.27 0.13 -0.52
CA VAL A 81 -29.81 0.33 0.83
C VAL A 81 -30.51 -0.93 1.34
N GLU A 82 -31.25 -1.61 0.46
CA GLU A 82 -31.91 -2.85 0.85
C GLU A 82 -30.92 -3.99 1.27
N GLN A 83 -29.85 -4.13 0.49
CA GLN A 83 -28.79 -5.11 0.83
C GLN A 83 -28.18 -4.77 2.20
N GLN A 84 -27.82 -3.51 2.39
CA GLN A 84 -27.28 -3.03 3.67
C GLN A 84 -28.21 -3.34 4.87
N GLN A 85 -29.51 -3.06 4.73
CA GLN A 85 -30.52 -3.36 5.76
C GLN A 85 -30.64 -4.87 6.03
N LYS A 86 -30.40 -5.69 5.01
CA LYS A 86 -30.41 -7.14 5.26
C LYS A 86 -29.18 -7.61 6.05
N LEU A 87 -28.01 -7.04 5.74
CA LEU A 87 -26.79 -7.34 6.52
C LEU A 87 -26.96 -6.90 7.97
N ALA A 88 -27.44 -5.67 8.15
CA ALA A 88 -27.68 -5.15 9.51
C ALA A 88 -28.62 -6.05 10.33
N GLN A 89 -29.74 -6.47 9.71
CA GLN A 89 -30.77 -7.34 10.30
CA GLN A 89 -30.73 -7.31 10.39
C GLN A 89 -30.24 -8.70 10.73
N THR A 90 -29.51 -9.33 9.81
CA THR A 90 -28.90 -10.63 10.07
C THR A 90 -27.86 -10.54 11.15
N ALA A 91 -27.04 -9.49 11.14
CA ALA A 91 -25.99 -9.34 12.14
C ALA A 91 -26.58 -9.46 13.54
N LYS A 92 -27.82 -8.95 13.72
CA LYS A 92 -28.47 -8.93 15.03
C LYS A 92 -28.63 -10.32 15.65
N ARG A 93 -28.77 -11.34 14.82
CA ARG A 93 -29.01 -12.71 15.27
C ARG A 93 -27.80 -13.34 15.97
N TYR A 94 -26.61 -12.75 15.79
CA TYR A 94 -25.36 -13.30 16.35
C TYR A 94 -24.87 -12.52 17.57
N LEU A 95 -25.51 -11.39 17.89
CA LEU A 95 -25.05 -10.56 18.99
C LEU A 95 -25.08 -11.34 20.29
N GLY A 96 -24.06 -11.14 21.10
CA GLY A 96 -23.96 -11.84 22.39
C GLY A 96 -23.37 -13.22 22.37
N LYS A 97 -23.10 -13.80 21.21
CA LYS A 97 -22.45 -15.13 21.12
C LYS A 97 -21.01 -15.03 21.65
N PRO A 98 -20.57 -15.98 22.48
CA PRO A 98 -19.21 -15.87 23.02
C PRO A 98 -18.09 -16.18 21.99
N TYR A 99 -16.84 -15.87 22.34
CA TYR A 99 -15.74 -16.08 21.42
C TYR A 99 -15.47 -17.58 21.20
N ASP A 100 -15.32 -17.97 19.93
CA ASP A 100 -15.06 -19.35 19.58
C ASP A 100 -13.59 -19.72 19.65
N PHE A 101 -13.15 -20.11 20.86
CA PHE A 101 -11.77 -20.54 21.09
C PHE A 101 -11.34 -21.81 20.33
N SER A 102 -12.30 -22.59 19.86
CA SER A 102 -12.06 -23.82 19.12
C SER A 102 -11.95 -23.62 17.60
N PHE A 103 -12.28 -22.42 17.09
CA PHE A 103 -12.53 -22.21 15.65
C PHE A 103 -13.46 -23.26 15.03
N SER A 104 -14.55 -23.54 15.72
CA SER A 104 -15.51 -24.51 15.23
C SER A 104 -16.51 -23.85 14.29
N TRP A 105 -16.90 -24.57 13.26
CA TRP A 105 -17.90 -24.08 12.31
C TRP A 105 -19.36 -24.12 12.84
N SER A 106 -19.59 -24.65 14.05
CA SER A 106 -20.94 -24.57 14.64
C SER A 106 -21.25 -23.14 15.10
N ASP A 107 -22.54 -22.83 15.25
CA ASP A 107 -22.98 -21.47 15.58
C ASP A 107 -23.01 -21.14 17.07
N ASP A 108 -22.73 -22.13 17.91
CA ASP A 108 -22.67 -21.93 19.37
C ASP A 108 -21.79 -20.73 19.80
N ARG A 109 -20.60 -20.61 19.23
CA ARG A 109 -19.67 -19.51 19.54
C ARG A 109 -19.14 -18.94 18.22
N GLN A 110 -18.58 -17.73 18.21
CA GLN A 110 -18.16 -17.11 16.95
C GLN A 110 -16.74 -16.58 16.99
N TYR A 111 -15.94 -16.83 15.93
CA TYR A 111 -14.68 -16.11 15.78
C TYR A 111 -14.83 -15.04 14.69
N CYS A 112 -13.81 -14.20 14.51
CA CYS A 112 -14.02 -12.95 13.78
C CYS A 112 -14.46 -13.10 12.32
N SER A 113 -13.76 -13.93 11.55
CA SER A 113 -14.06 -14.06 10.14
C SER A 113 -15.23 -15.01 9.94
N GLU A 114 -15.44 -15.93 10.89
CA GLU A 114 -16.64 -16.78 10.87
C GLU A 114 -17.90 -15.92 10.81
N VAL A 115 -18.05 -14.98 11.75
CA VAL A 115 -19.31 -14.23 11.84
C VAL A 115 -19.51 -13.31 10.62
N VAL A 116 -18.46 -12.71 10.09
CA VAL A 116 -18.61 -11.85 8.89
C VAL A 116 -19.07 -12.74 7.71
N TRP A 117 -18.45 -13.93 7.58
CA TRP A 117 -18.77 -14.83 6.47
C TRP A 117 -20.21 -15.25 6.61
N LYS A 118 -20.61 -15.65 7.82
CA LYS A 118 -21.96 -16.18 8.05
C LYS A 118 -23.06 -15.12 7.85
N VAL A 119 -22.76 -13.88 8.19
CA VAL A 119 -23.73 -12.80 8.00
C VAL A 119 -23.97 -12.56 6.50
N TYR A 120 -22.90 -12.51 5.70
CA TYR A 120 -23.06 -12.26 4.25
C TYR A 120 -23.82 -13.40 3.61
N GLN A 121 -23.54 -14.61 4.07
CA GLN A 121 -24.12 -15.79 3.46
C GLN A 121 -25.59 -15.80 3.79
N ASN A 122 -25.92 -15.56 5.05
CA ASN A 122 -27.31 -15.66 5.47
C ASN A 122 -28.18 -14.49 5.06
N ALA A 123 -27.59 -13.31 4.93
CA ALA A 123 -28.35 -12.13 4.52
C ALA A 123 -28.54 -12.01 2.99
N LEU A 124 -27.46 -12.22 2.23
CA LEU A 124 -27.46 -11.94 0.79
C LEU A 124 -27.21 -13.19 -0.07
N GLY A 125 -26.96 -14.31 0.58
CA GLY A 125 -26.54 -15.55 -0.12
C GLY A 125 -25.23 -15.41 -0.88
N MET A 126 -24.34 -14.54 -0.42
CA MET A 126 -23.00 -14.39 -1.00
C MET A 126 -22.01 -15.19 -0.15
N ARG A 127 -21.11 -15.92 -0.82
CA ARG A 127 -19.99 -16.57 -0.15
C ARG A 127 -18.77 -15.67 -0.33
N VAL A 128 -18.43 -14.95 0.73
CA VAL A 128 -17.37 -13.96 0.67
C VAL A 128 -16.09 -14.58 1.24
N GLY A 129 -15.48 -15.47 0.45
CA GLY A 129 -14.31 -16.20 0.91
C GLY A 129 -14.41 -17.70 0.82
N GLU A 130 -13.27 -18.31 0.51
CA GLU A 130 -13.19 -19.75 0.34
C GLU A 130 -13.02 -20.39 1.73
N GLN A 131 -13.68 -21.51 1.94
CA GLN A 131 -13.51 -22.28 3.16
C GLN A 131 -12.47 -23.33 2.87
N GLN A 132 -11.67 -23.68 3.88
CA GLN A 132 -10.81 -24.86 3.75
C GLN A 132 -10.66 -25.52 5.13
N LYS A 133 -10.02 -26.67 5.17
CA LYS A 133 -9.88 -27.41 6.45
C LYS A 133 -8.71 -26.84 7.25
N LEU A 134 -8.80 -26.95 8.58
CA LEU A 134 -7.72 -26.45 9.43
C LEU A 134 -6.36 -27.02 9.01
N LYS A 135 -6.31 -28.31 8.67
CA LYS A 135 -5.04 -28.95 8.29
C LYS A 135 -4.43 -28.39 7.01
N GLU A 136 -5.23 -27.68 6.21
CA GLU A 136 -4.79 -27.11 4.92
C GLU A 136 -4.06 -25.75 5.05
N PHE A 137 -4.12 -25.18 6.26
CA PHE A 137 -3.34 -23.98 6.54
C PHE A 137 -1.89 -24.38 6.68
N ASP A 138 -1.03 -23.39 6.88
CA ASP A 138 0.39 -23.64 7.03
C ASP A 138 0.71 -23.76 8.51
N LEU A 139 0.92 -24.99 8.95
CA LEU A 139 1.07 -25.30 10.38
C LEU A 139 2.50 -25.73 10.66
N SER A 140 3.37 -25.54 9.68
CA SER A 140 4.74 -25.94 9.76
C SER A 140 5.57 -25.09 10.73
N ASN A 141 5.29 -23.80 10.85
CA ASN A 141 6.10 -22.96 11.76
C ASN A 141 5.97 -23.39 13.22
N PRO A 142 7.11 -23.51 13.95
CA PRO A 142 7.10 -23.96 15.35
C PRO A 142 6.33 -23.03 16.28
N LEU A 143 6.27 -21.74 15.93
CA LEU A 143 5.43 -20.79 16.67
C LEU A 143 3.97 -21.21 16.54
N VAL A 144 3.58 -21.60 15.33
CA VAL A 144 2.23 -22.03 15.09
C VAL A 144 1.95 -23.36 15.83
N GLN A 145 2.87 -24.33 15.72
CA GLN A 145 2.69 -25.60 16.42
CA GLN A 145 2.82 -25.61 16.45
C GLN A 145 2.58 -25.40 17.94
N ALA A 146 3.38 -24.49 18.51
CA ALA A 146 3.30 -24.21 19.95
C ALA A 146 1.92 -23.67 20.38
N LYS A 147 1.39 -22.74 19.61
CA LYS A 147 0.08 -22.17 19.92
CA LYS A 147 0.08 -22.16 19.89
C LYS A 147 -1.05 -23.20 19.73
N LEU A 148 -0.94 -24.06 18.74
CA LEU A 148 -1.93 -25.13 18.59
C LEU A 148 -1.85 -26.07 19.82
N LYS A 149 -0.64 -26.38 20.27
CA LYS A 149 -0.47 -27.23 21.43
C LYS A 149 -1.08 -26.59 22.67
N GLU A 150 -0.83 -25.30 22.84
CA GLU A 150 -1.34 -24.52 23.96
C GLU A 150 -2.87 -24.55 24.02
N ARG A 151 -3.52 -24.35 22.87
CA ARG A 151 -4.97 -24.26 22.83
C ARG A 151 -5.65 -25.64 22.83
N TYR A 152 -5.12 -26.55 22.03
CA TYR A 152 -5.78 -27.83 21.76
C TYR A 152 -5.11 -29.06 22.37
N GLY A 153 -3.86 -28.96 22.82
CA GLY A 153 -3.15 -30.13 23.28
C GLY A 153 -2.96 -31.05 22.08
N LYS A 154 -3.28 -32.34 22.23
CA LYS A 154 -3.18 -33.28 21.11
C LYS A 154 -4.46 -33.33 20.28
N ASN A 155 -5.56 -32.78 20.81
CA ASN A 155 -6.84 -32.83 20.12
C ASN A 155 -7.04 -31.66 19.14
N ILE A 156 -6.15 -31.55 18.17
CA ILE A 156 -6.29 -30.51 17.13
C ILE A 156 -7.41 -30.90 16.15
N PRO A 157 -8.38 -29.98 15.94
CA PRO A 157 -9.46 -30.34 14.99
C PRO A 157 -9.04 -30.09 13.53
N LEU A 158 -8.20 -31.00 13.03
CA LEU A 158 -7.60 -30.90 11.71
C LEU A 158 -8.58 -30.86 10.56
N GLU A 159 -9.74 -31.49 10.72
CA GLU A 159 -10.74 -31.58 9.65
C GLU A 159 -11.79 -30.47 9.70
N GLU A 160 -11.70 -29.59 10.68
CA GLU A 160 -12.68 -28.52 10.83
C GLU A 160 -12.65 -27.59 9.59
N THR A 161 -13.84 -27.29 9.06
CA THR A 161 -14.02 -26.24 8.05
C THR A 161 -13.74 -24.87 8.66
N VAL A 162 -12.77 -24.12 8.13
CA VAL A 162 -12.44 -22.79 8.66
C VAL A 162 -12.47 -21.71 7.57
N VAL A 163 -12.78 -20.46 7.98
CA VAL A 163 -12.64 -19.31 7.06
C VAL A 163 -11.70 -18.31 7.73
N SER A 164 -10.60 -17.98 7.07
CA SER A 164 -9.66 -17.01 7.67
C SER A 164 -10.00 -15.55 7.30
N PRO A 165 -9.41 -14.59 8.03
CA PRO A 165 -9.52 -13.20 7.59
C PRO A 165 -8.95 -13.03 6.18
N GLN A 166 -7.78 -13.61 5.89
CA GLN A 166 -7.22 -13.49 4.52
C GLN A 166 -8.20 -14.05 3.48
N ALA A 167 -8.86 -15.17 3.79
CA ALA A 167 -9.83 -15.74 2.85
C ALA A 167 -10.96 -14.76 2.53
N VAL A 168 -11.49 -14.05 3.54
CA VAL A 168 -12.56 -13.07 3.28
C VAL A 168 -11.99 -11.93 2.45
N PHE A 169 -10.80 -11.48 2.82
CA PHE A 169 -10.20 -10.37 2.08
C PHE A 169 -10.14 -10.64 0.59
N ASP A 170 -9.74 -11.86 0.23
CA ASP A 170 -9.47 -12.26 -1.16
C ASP A 170 -10.72 -12.72 -1.89
N ALA A 171 -11.88 -12.56 -1.26
CA ALA A 171 -13.15 -12.87 -1.91
C ALA A 171 -13.28 -12.09 -3.24
N PRO A 172 -13.80 -12.75 -4.30
CA PRO A 172 -13.82 -12.11 -5.63
C PRO A 172 -14.71 -10.86 -5.76
N GLN A 173 -15.73 -10.78 -4.92
CA GLN A 173 -16.69 -9.65 -4.98
C GLN A 173 -16.07 -8.32 -4.55
N LEU A 174 -14.90 -8.35 -3.90
CA LEU A 174 -14.48 -7.23 -3.09
C LEU A 174 -13.50 -6.32 -3.78
N THR A 175 -13.57 -5.03 -3.47
CA THR A 175 -12.55 -4.11 -3.90
C THR A 175 -12.11 -3.32 -2.67
N THR A 176 -10.93 -2.72 -2.70
CA THR A 176 -10.48 -1.94 -1.55
C THR A 176 -10.98 -0.49 -1.62
N VAL A 177 -11.60 0.00 -0.54
CA VAL A 177 -12.19 1.35 -0.50
C VAL A 177 -11.51 2.25 0.55
N ALA A 178 -10.64 1.68 1.39
CA ALA A 178 -9.88 2.50 2.35
C ALA A 178 -8.66 1.75 2.78
N LYS A 179 -7.56 2.48 2.98
CA LYS A 179 -6.33 1.82 3.38
C LYS A 179 -5.48 2.78 4.12
N GLU A 180 -5.21 2.47 5.38
CA GLU A 180 -4.15 3.16 6.11
C GLU A 180 -3.21 2.09 6.57
N TRP A 181 -2.29 1.69 5.70
CA TRP A 181 -1.45 0.57 5.98
C TRP A 181 -0.07 0.71 5.31
N PRO A 182 0.81 1.56 5.85
CA PRO A 182 2.10 1.69 5.17
C PRO A 182 2.89 0.40 5.23
N LEU A 183 3.46 -0.03 4.10
CA LEU A 183 4.24 -1.25 4.08
C LEU A 183 5.72 -0.94 4.13
N PHE A 184 6.07 -0.05 5.05
CA PHE A 184 7.43 0.32 5.41
C PHE A 184 7.43 0.65 6.90
N TRP B 3 9.98 -3.08 3.98
CA TRP B 3 10.98 -2.10 3.42
C TRP B 3 11.35 -1.13 4.54
N GLN B 4 12.65 -1.00 4.84
CA GLN B 4 13.11 0.04 5.74
C GLN B 4 13.66 1.17 4.87
N PRO B 5 12.95 2.34 4.78
CA PRO B 5 13.54 3.44 4.00
C PRO B 5 14.92 3.80 4.49
N GLN B 6 15.83 4.08 3.56
CA GLN B 6 17.14 4.60 3.89
C GLN B 6 17.45 5.75 3.00
N THR B 7 18.18 6.73 3.53
CA THR B 7 18.64 7.84 2.72
C THR B 7 19.30 7.34 1.42
N GLY B 8 18.94 7.97 0.30
CA GLY B 8 19.47 7.59 -1.01
C GLY B 8 18.58 6.63 -1.80
N ASP B 9 17.65 5.93 -1.14
CA ASP B 9 16.72 5.04 -1.88
C ASP B 9 16.02 5.93 -2.94
N ILE B 10 15.79 5.41 -4.15
CA ILE B 10 15.19 6.24 -5.20
C ILE B 10 13.83 5.65 -5.45
N ILE B 11 12.81 6.50 -5.35
CA ILE B 11 11.42 6.05 -5.41
C ILE B 11 10.78 6.60 -6.71
N PHE B 12 9.91 5.78 -7.31
CA PHE B 12 9.30 6.07 -8.60
C PHE B 12 7.79 5.94 -8.50
N GLN B 13 7.08 6.78 -9.27
CA GLN B 13 5.62 6.69 -9.28
C GLN B 13 5.10 7.23 -10.64
N ILE B 14 3.79 7.11 -10.84
CA ILE B 14 3.08 7.70 -11.96
C ILE B 14 2.50 9.05 -11.53
N SER B 15 3.03 10.13 -12.09
CA SER B 15 2.55 11.49 -11.84
C SER B 15 1.11 11.67 -12.32
N ARG B 16 0.34 12.50 -11.65
CA ARG B 16 -1.03 12.77 -12.12
C ARG B 16 -1.08 14.07 -12.91
N SER B 17 0.10 14.64 -13.21
CA SER B 17 0.22 15.86 -13.97
C SER B 17 -0.14 15.65 -15.44
N SER B 18 -0.34 16.75 -16.18
CA SER B 18 -0.68 16.67 -17.60
C SER B 18 0.47 16.16 -18.49
N GLN B 19 1.71 16.38 -18.08
CA GLN B 19 2.83 15.87 -18.87
C GLN B 19 3.04 14.36 -18.71
N SER B 20 2.39 13.75 -17.72
CA SER B 20 2.72 12.37 -17.31
C SER B 20 2.64 11.33 -18.45
N LYS B 21 1.49 11.24 -19.13
CA LYS B 21 1.35 10.28 -20.24
C LYS B 21 2.36 10.48 -21.36
N ALA B 22 2.67 11.74 -21.67
CA ALA B 22 3.66 12.04 -22.71
C ALA B 22 5.07 11.59 -22.29
N ILE B 23 5.38 11.79 -21.01
CA ILE B 23 6.69 11.33 -20.49
C ILE B 23 6.79 9.80 -20.57
N GLN B 24 5.71 9.11 -20.20
CA GLN B 24 5.71 7.64 -20.26
C GLN B 24 5.91 7.15 -21.70
N LEU B 25 5.17 7.77 -22.62
CA LEU B 25 5.31 7.39 -24.02
C LEU B 25 6.71 7.64 -24.58
N ALA B 26 7.27 8.83 -24.38
CA ALA B 26 8.56 9.18 -24.95
C ALA B 26 9.66 8.35 -24.34
N THR B 27 9.49 7.95 -23.07
CA THR B 27 10.60 7.24 -22.38
C THR B 27 10.34 5.74 -22.31
N HIS B 28 9.24 5.27 -22.89
CA HIS B 28 8.91 3.85 -22.85
C HIS B 28 9.00 3.39 -21.41
N SER B 29 8.15 3.97 -20.56
CA SER B 29 8.25 3.74 -19.11
C SER B 29 6.90 3.90 -18.43
N ASP B 30 6.71 3.19 -17.30
CA ASP B 30 5.60 3.46 -16.39
C ASP B 30 5.90 4.64 -15.46
N TYR B 31 7.15 5.08 -15.38
CA TYR B 31 7.53 6.05 -14.34
C TYR B 31 7.57 7.47 -14.91
N SER B 32 6.82 8.36 -14.29
CA SER B 32 6.86 9.75 -14.74
C SER B 32 7.20 10.74 -13.64
N HIS B 33 7.53 10.24 -12.44
CA HIS B 33 8.11 11.09 -11.38
C HIS B 33 8.99 10.26 -10.49
N THR B 34 10.01 10.91 -9.95
CA THR B 34 11.02 10.22 -9.12
C THR B 34 11.46 11.18 -8.01
N GLY B 35 11.98 10.62 -6.91
CA GLY B 35 12.63 11.41 -5.87
C GLY B 35 13.56 10.49 -5.08
N MET B 36 14.25 11.08 -4.10
CA MET B 36 15.25 10.32 -3.36
C MET B 36 14.88 10.40 -1.90
N LEU B 37 14.86 9.27 -1.21
CA LEU B 37 14.63 9.29 0.25
C LEU B 37 15.73 10.03 0.99
N VAL B 38 15.34 10.83 1.98
CA VAL B 38 16.23 11.44 2.96
C VAL B 38 15.58 11.21 4.34
N MET B 39 16.30 10.55 5.24
CA MET B 39 15.82 10.36 6.60
C MET B 39 16.18 11.62 7.37
N ARG B 40 15.16 12.28 7.91
CA ARG B 40 15.38 13.53 8.64
C ARG B 40 14.90 13.24 10.06
N ASN B 41 15.81 13.29 11.02
CA ASN B 41 15.47 12.91 12.39
C ASN B 41 14.81 11.51 12.42
N LYS B 42 15.32 10.59 11.60
CA LYS B 42 14.87 9.19 11.54
C LYS B 42 13.47 9.01 10.97
N LYS B 43 12.95 10.05 10.31
CA LYS B 43 11.64 9.97 9.65
C LYS B 43 11.84 10.11 8.14
N PRO B 44 11.09 9.33 7.33
CA PRO B 44 11.27 9.28 5.88
C PRO B 44 10.63 10.48 5.13
N TYR B 45 11.46 11.23 4.40
CA TYR B 45 11.01 12.29 3.53
C TYR B 45 11.50 11.98 2.11
N VAL B 46 10.72 12.41 1.11
CA VAL B 46 11.17 12.36 -0.27
C VAL B 46 11.63 13.75 -0.70
N PHE B 47 12.89 13.83 -1.10
CA PHE B 47 13.54 14.97 -1.72
C PHE B 47 13.20 14.89 -3.20
N GLU B 48 12.48 15.90 -3.71
CA GLU B 48 12.00 15.87 -5.10
C GLU B 48 11.98 17.23 -5.71
N ALA B 49 12.09 17.30 -7.04
CA ALA B 49 11.96 18.57 -7.72
C ALA B 49 10.56 18.65 -8.25
N VAL B 50 9.73 19.44 -7.59
CA VAL B 50 8.37 19.66 -8.05
C VAL B 50 8.00 21.14 -8.20
N GLY B 51 8.99 22.02 -8.21
CA GLY B 51 8.75 23.48 -8.14
C GLY B 51 8.24 23.88 -6.78
N PRO B 52 9.14 24.02 -5.80
CA PRO B 52 10.58 23.95 -5.97
C PRO B 52 11.12 22.57 -5.57
N VAL B 53 12.44 22.44 -5.56
CA VAL B 53 13.08 21.25 -4.97
C VAL B 53 12.79 21.32 -3.46
N LYS B 54 12.30 20.24 -2.89
CA LYS B 54 11.88 20.27 -1.49
C LYS B 54 11.89 18.89 -0.86
N TYR B 55 11.61 18.81 0.44
CA TYR B 55 11.27 17.56 1.13
C TYR B 55 9.76 17.40 1.32
N THR B 56 9.28 16.19 1.07
CA THR B 56 7.91 15.86 1.28
C THR B 56 7.79 14.58 2.10
N PRO B 57 6.92 14.56 3.13
CA PRO B 57 6.78 13.34 3.90
C PRO B 57 6.43 12.16 3.00
N LEU B 58 6.97 10.99 3.30
CA LEU B 58 6.80 9.81 2.47
C LEU B 58 5.35 9.41 2.20
N LYS B 59 4.50 9.39 3.24
CA LYS B 59 3.11 8.98 3.02
C LYS B 59 2.44 9.94 2.04
N GLN B 60 2.70 11.25 2.21
CA GLN B 60 2.21 12.28 1.31
C GLN B 60 2.72 12.11 -0.14
N TRP B 61 4.01 11.87 -0.28
CA TRP B 61 4.59 11.68 -1.61
C TRP B 61 3.92 10.52 -2.33
N ILE B 62 3.81 9.40 -1.64
CA ILE B 62 3.23 8.17 -2.21
C ILE B 62 1.80 8.43 -2.63
N ALA B 63 1.06 9.14 -1.77
CA ALA B 63 -0.36 9.45 -2.02
C ALA B 63 -0.59 10.37 -3.23
N HIS B 64 0.40 11.18 -3.63
CA HIS B 64 0.28 11.94 -4.90
C HIS B 64 0.38 11.06 -6.16
N GLY B 65 0.98 9.89 -6.06
CA GLY B 65 1.13 9.00 -7.21
C GLY B 65 -0.23 8.41 -7.57
N GLU B 66 -0.47 8.20 -8.87
CA GLU B 66 -1.71 7.54 -9.30
C GLU B 66 -1.86 6.17 -8.66
N LYS B 67 -3.05 5.95 -8.08
CA LYS B 67 -3.40 4.75 -7.30
C LYS B 67 -2.41 4.40 -6.16
N GLY B 68 -1.57 5.36 -5.76
CA GLY B 68 -0.55 5.13 -4.70
C GLY B 68 0.54 4.13 -5.08
N LYS B 69 0.71 3.88 -6.39
CA LYS B 69 1.66 2.87 -6.87
C LYS B 69 3.08 3.44 -6.71
N TYR B 70 4.01 2.60 -6.25
CA TYR B 70 5.42 2.99 -6.18
C TYR B 70 6.39 1.81 -6.25
N VAL B 71 7.64 2.12 -6.59
CA VAL B 71 8.69 1.11 -6.61
C VAL B 71 9.95 1.81 -6.11
N VAL B 72 10.78 1.09 -5.37
CA VAL B 72 11.94 1.70 -4.76
C VAL B 72 13.19 0.93 -5.11
N ARG B 73 14.23 1.67 -5.51
CA ARG B 73 15.47 1.12 -5.97
C ARG B 73 16.55 1.58 -4.99
N ARG B 74 17.54 0.71 -4.76
CA ARG B 74 18.64 1.09 -3.86
C ARG B 74 19.94 0.56 -4.43
N VAL B 75 21.05 1.21 -4.13
CA VAL B 75 22.33 0.69 -4.57
C VAL B 75 22.51 -0.71 -3.99
N GLU B 76 22.88 -1.66 -4.84
CA GLU B 76 22.92 -3.05 -4.42
C GLU B 76 23.97 -3.23 -3.33
N GLY B 77 23.58 -3.92 -2.27
CA GLY B 77 24.45 -4.10 -1.08
C GLY B 77 24.28 -2.98 -0.07
N GLY B 78 23.63 -1.89 -0.51
CA GLY B 78 23.32 -0.75 0.37
C GLY B 78 24.43 0.30 0.47
N LEU B 79 24.07 1.47 0.97
CA LEU B 79 25.03 2.52 1.21
C LEU B 79 25.40 2.54 2.68
N SER B 80 26.64 2.96 2.93
CA SER B 80 27.13 3.15 4.30
C SER B 80 26.54 4.43 4.86
N VAL B 81 26.57 4.56 6.17
CA VAL B 81 26.06 5.77 6.81
C VAL B 81 26.77 7.01 6.26
N GLU B 82 28.08 6.91 6.10
CA GLU B 82 28.84 8.02 5.51
C GLU B 82 28.40 8.40 4.08
N GLN B 83 28.19 7.40 3.22
CA GLN B 83 27.65 7.69 1.87
C GLN B 83 26.28 8.36 1.97
N GLN B 84 25.43 7.85 2.86
CA GLN B 84 24.13 8.43 3.11
C GLN B 84 24.26 9.89 3.54
N GLN B 85 25.13 10.16 4.51
CA GLN B 85 25.35 11.54 4.95
C GLN B 85 25.75 12.46 3.80
N LYS B 86 26.63 11.97 2.91
CA LYS B 86 27.06 12.76 1.75
C LYS B 86 25.92 13.10 0.81
N LEU B 87 25.05 12.12 0.56
CA LEU B 87 23.92 12.39 -0.31
C LEU B 87 23.05 13.46 0.33
N ALA B 88 22.84 13.34 1.64
CA ALA B 88 21.99 14.27 2.37
C ALA B 88 22.57 15.68 2.38
N GLN B 89 23.88 15.80 2.55
CA GLN B 89 24.49 17.13 2.50
C GLN B 89 24.36 17.75 1.11
N THR B 90 24.59 16.95 0.08
CA THR B 90 24.61 17.47 -1.29
C THR B 90 23.23 17.94 -1.73
N ALA B 91 22.21 17.20 -1.31
CA ALA B 91 20.82 17.47 -1.64
C ALA B 91 20.48 18.90 -1.19
N LYS B 92 20.99 19.29 -0.01
CA LYS B 92 20.72 20.64 0.52
C LYS B 92 21.07 21.76 -0.44
N ARG B 93 22.07 21.58 -1.28
CA ARG B 93 22.53 22.62 -2.21
C ARG B 93 21.45 22.93 -3.26
N TYR B 94 20.51 22.00 -3.46
CA TYR B 94 19.52 22.15 -4.55
C TYR B 94 18.15 22.64 -4.06
N LEU B 95 17.96 22.64 -2.73
CA LEU B 95 16.67 23.05 -2.19
C LEU B 95 16.26 24.44 -2.65
N GLY B 96 14.98 24.61 -2.99
CA GLY B 96 14.49 25.93 -3.39
C GLY B 96 14.45 26.19 -4.89
N LYS B 97 15.18 25.40 -5.68
CA LYS B 97 15.31 25.63 -7.13
C LYS B 97 13.95 25.38 -7.79
N PRO B 98 13.50 26.31 -8.65
CA PRO B 98 12.19 26.14 -9.29
C PRO B 98 12.17 24.98 -10.29
N TYR B 99 10.98 24.61 -10.73
CA TYR B 99 10.82 23.51 -11.67
C TYR B 99 11.31 23.84 -13.08
N ASP B 100 12.04 22.90 -13.66
CA ASP B 100 12.59 23.06 -15.00
C ASP B 100 11.60 22.67 -16.09
N PHE B 101 10.85 23.67 -16.56
CA PHE B 101 9.90 23.46 -17.65
C PHE B 101 10.55 23.22 -19.01
N SER B 102 11.81 23.61 -19.13
CA SER B 102 12.61 23.43 -20.31
C SER B 102 13.32 22.08 -20.42
N PHE B 103 13.26 21.26 -19.37
CA PHE B 103 14.16 20.10 -19.26
C PHE B 103 15.62 20.43 -19.59
N SER B 104 16.12 21.57 -19.10
CA SER B 104 17.49 21.95 -19.39
C SER B 104 18.48 21.31 -18.44
N TRP B 105 19.68 21.00 -18.94
CA TRP B 105 20.74 20.45 -18.10
C TRP B 105 21.47 21.53 -17.28
N SER B 106 21.15 22.81 -17.45
CA SER B 106 21.73 23.84 -16.55
C SER B 106 21.20 23.66 -15.12
N ASP B 107 21.91 24.24 -14.15
CA ASP B 107 21.49 24.12 -12.76
C ASP B 107 20.43 25.16 -12.32
N ASP B 108 20.16 26.17 -13.17
CA ASP B 108 19.17 27.22 -12.81
C ASP B 108 17.88 26.61 -12.21
N ARG B 109 17.39 25.57 -12.86
CA ARG B 109 16.09 24.99 -12.50
C ARG B 109 16.26 23.47 -12.51
N GLN B 110 15.37 22.72 -11.86
CA GLN B 110 15.57 21.28 -11.72
C GLN B 110 14.29 20.54 -12.04
N TYR B 111 14.38 19.46 -12.84
CA TYR B 111 13.25 18.52 -12.99
C TYR B 111 13.58 17.23 -12.21
N CYS B 112 12.64 16.28 -12.15
CA CYS B 112 12.72 15.28 -11.10
C CYS B 112 13.95 14.36 -11.18
N SER B 113 14.18 13.78 -12.34
CA SER B 113 15.26 12.83 -12.49
C SER B 113 16.62 13.56 -12.59
N GLU B 114 16.61 14.83 -13.05
CA GLU B 114 17.85 15.64 -13.10
C GLU B 114 18.46 15.77 -11.71
N VAL B 115 17.66 16.17 -10.73
CA VAL B 115 18.19 16.49 -9.41
C VAL B 115 18.68 15.22 -8.70
N VAL B 116 17.94 14.11 -8.86
CA VAL B 116 18.37 12.84 -8.24
C VAL B 116 19.73 12.46 -8.87
N TRP B 117 19.84 12.61 -10.18
CA TRP B 117 21.03 12.19 -10.89
C TRP B 117 22.20 13.05 -10.45
N LYS B 118 21.96 14.36 -10.41
CA LYS B 118 23.04 15.30 -9.99
C LYS B 118 23.48 15.14 -8.54
N VAL B 119 22.53 14.85 -7.64
CA VAL B 119 22.89 14.64 -6.23
C VAL B 119 23.87 13.47 -6.13
N TYR B 120 23.58 12.35 -6.81
CA TYR B 120 24.42 11.17 -6.72
C TYR B 120 25.78 11.44 -7.34
N GLN B 121 25.77 12.15 -8.45
CA GLN B 121 27.00 12.39 -9.21
C GLN B 121 27.88 13.29 -8.35
N ASN B 122 27.30 14.37 -7.83
CA ASN B 122 28.06 15.31 -6.98
C ASN B 122 28.48 14.79 -5.60
N ALA B 123 27.62 13.99 -4.96
CA ALA B 123 27.94 13.47 -3.63
C ALA B 123 28.90 12.27 -3.63
N LEU B 124 28.68 11.33 -4.57
CA LEU B 124 29.36 10.05 -4.52
C LEU B 124 30.19 9.78 -5.78
N GLY B 125 29.97 10.58 -6.83
CA GLY B 125 30.70 10.39 -8.09
C GLY B 125 30.13 9.18 -8.82
N MET B 126 28.86 8.85 -8.55
CA MET B 126 28.17 7.76 -9.22
C MET B 126 27.30 8.35 -10.32
N ARG B 127 27.31 7.72 -11.50
CA ARG B 127 26.43 8.13 -12.57
C ARG B 127 25.31 7.11 -12.55
N VAL B 128 24.17 7.50 -12.00
CA VAL B 128 23.08 6.55 -11.75
C VAL B 128 22.09 6.76 -12.92
N GLY B 129 22.50 6.29 -14.10
CA GLY B 129 21.67 6.43 -15.29
C GLY B 129 22.37 7.02 -16.51
N GLU B 130 21.96 6.56 -17.69
CA GLU B 130 22.54 7.04 -18.93
C GLU B 130 21.88 8.35 -19.31
N GLN B 131 22.69 9.28 -19.81
CA GLN B 131 22.20 10.52 -20.42
C GLN B 131 21.99 10.29 -21.92
N GLN B 132 20.99 10.96 -22.50
CA GLN B 132 20.88 11.00 -23.94
C GLN B 132 20.23 12.32 -24.40
N LYS B 133 20.36 12.62 -25.70
CA LYS B 133 19.76 13.87 -26.21
C LYS B 133 18.25 13.75 -26.31
N LEU B 134 17.55 14.86 -26.13
CA LEU B 134 16.08 14.87 -26.23
C LEU B 134 15.56 14.21 -27.53
N LYS B 135 16.25 14.45 -28.64
CA LYS B 135 15.85 13.88 -29.92
C LYS B 135 15.91 12.35 -29.99
N GLU B 136 16.70 11.76 -29.09
CA GLU B 136 16.94 10.32 -29.05
C GLU B 136 15.86 9.56 -28.28
N PHE B 137 14.94 10.29 -27.66
CA PHE B 137 13.74 9.69 -27.08
C PHE B 137 12.72 9.39 -28.18
N ASP B 138 11.64 8.70 -27.85
CA ASP B 138 10.63 8.36 -28.84
C ASP B 138 9.63 9.50 -28.96
N LEU B 139 9.84 10.37 -29.94
CA LEU B 139 8.98 11.54 -30.10
C LEU B 139 7.91 11.37 -31.18
N SER B 140 7.65 10.13 -31.60
CA SER B 140 6.78 9.87 -32.74
C SER B 140 5.27 9.85 -32.44
N ASN B 141 4.88 9.60 -31.19
CA ASN B 141 3.45 9.56 -30.86
C ASN B 141 2.80 10.96 -30.96
N PRO B 142 1.63 11.07 -31.63
CA PRO B 142 1.06 12.42 -31.81
C PRO B 142 0.77 13.12 -30.47
N LEU B 143 0.43 12.36 -29.43
CA LEU B 143 0.25 12.95 -28.11
C LEU B 143 1.56 13.62 -27.62
N VAL B 144 2.69 12.96 -27.85
CA VAL B 144 4.02 13.49 -27.50
C VAL B 144 4.36 14.73 -28.35
N GLN B 145 4.12 14.65 -29.66
CA GLN B 145 4.30 15.84 -30.52
C GLN B 145 3.42 17.02 -30.07
N ALA B 146 2.19 16.75 -29.66
CA ALA B 146 1.28 17.79 -29.21
C ALA B 146 1.75 18.48 -27.92
N LYS B 147 2.22 17.68 -26.96
N LYS B 147 2.22 17.68 -26.96
CA LYS B 147 2.71 18.24 -25.70
CA LYS B 147 2.69 18.23 -25.69
C LYS B 147 3.98 19.05 -25.90
C LYS B 147 4.00 19.02 -25.86
N LEU B 148 4.85 18.58 -26.78
CA LEU B 148 6.08 19.30 -27.09
C LEU B 148 5.74 20.63 -27.76
N LYS B 149 4.77 20.62 -28.68
CA LYS B 149 4.33 21.87 -29.31
C LYS B 149 3.77 22.81 -28.25
N GLU B 150 2.99 22.26 -27.32
CA GLU B 150 2.38 23.05 -26.24
C GLU B 150 3.43 23.75 -25.38
N ARG B 151 4.47 23.01 -25.00
CA ARG B 151 5.51 23.53 -24.13
C ARG B 151 6.53 24.43 -24.83
N TYR B 152 6.93 24.06 -26.05
CA TYR B 152 8.07 24.65 -26.73
C TYR B 152 7.75 25.34 -28.06
N GLY B 153 6.55 25.13 -28.58
CA GLY B 153 6.25 25.51 -29.95
C GLY B 153 7.26 24.95 -30.93
N LYS B 154 7.82 25.81 -31.78
CA LYS B 154 8.74 25.31 -32.77
C LYS B 154 10.12 25.15 -32.18
N ASN B 155 10.40 25.84 -31.07
CA ASN B 155 11.73 25.80 -30.50
C ASN B 155 11.94 24.64 -29.52
N ILE B 156 11.74 23.42 -30.02
CA ILE B 156 12.06 22.22 -29.23
C ILE B 156 13.60 22.08 -29.10
N PRO B 157 14.14 21.86 -27.85
CA PRO B 157 15.58 21.70 -27.65
C PRO B 157 16.10 20.26 -27.89
N LEU B 158 16.08 19.88 -29.17
CA LEU B 158 16.39 18.52 -29.62
C LEU B 158 17.76 17.99 -29.17
N GLU B 159 18.73 18.89 -29.05
CA GLU B 159 20.09 18.53 -28.69
C GLU B 159 20.37 18.50 -27.19
N GLU B 160 19.37 18.84 -26.37
CA GLU B 160 19.60 18.96 -24.93
C GLU B 160 19.91 17.59 -24.31
N THR B 161 20.98 17.51 -23.53
CA THR B 161 21.23 16.32 -22.69
C THR B 161 20.17 16.14 -21.60
N VAL B 162 19.63 14.93 -21.50
CA VAL B 162 18.48 14.65 -20.63
C VAL B 162 18.70 13.34 -19.86
N VAL B 163 18.20 13.27 -18.62
CA VAL B 163 18.13 11.97 -17.94
C VAL B 163 16.69 11.72 -17.59
N SER B 164 16.13 10.61 -18.04
CA SER B 164 14.74 10.30 -17.72
C SER B 164 14.63 9.49 -16.40
N PRO B 165 13.44 9.46 -15.81
CA PRO B 165 13.20 8.54 -14.66
C PRO B 165 13.50 7.07 -15.01
N GLN B 166 13.11 6.61 -16.19
CA GLN B 166 13.43 5.24 -16.60
C GLN B 166 14.93 5.00 -16.68
N ALA B 167 15.68 5.99 -17.15
CA ALA B 167 17.13 5.90 -17.24
C ALA B 167 17.71 5.69 -15.83
N VAL B 168 17.23 6.45 -14.86
CA VAL B 168 17.73 6.25 -13.48
C VAL B 168 17.32 4.85 -13.00
N PHE B 169 16.07 4.46 -13.23
CA PHE B 169 15.61 3.15 -12.76
C PHE B 169 16.60 2.07 -13.24
N ASP B 170 17.03 2.16 -14.50
CA ASP B 170 17.88 1.13 -15.16
C ASP B 170 19.38 1.28 -14.89
N ALA B 171 19.77 2.15 -13.97
CA ALA B 171 21.19 2.26 -13.59
C ALA B 171 21.67 0.90 -13.11
N PRO B 172 22.91 0.52 -13.50
CA PRO B 172 23.40 -0.82 -13.16
C PRO B 172 23.65 -1.06 -11.67
N GLN B 173 23.76 0.02 -10.91
CA GLN B 173 24.08 -0.10 -9.46
C GLN B 173 22.88 -0.57 -8.67
N LEU B 174 21.70 -0.48 -9.25
CA LEU B 174 20.49 -0.52 -8.45
C LEU B 174 19.83 -1.89 -8.40
N THR B 175 19.11 -2.16 -7.31
CA THR B 175 18.25 -3.33 -7.16
C THR B 175 16.93 -2.86 -6.56
N THR B 176 15.85 -3.62 -6.74
CA THR B 176 14.55 -3.23 -6.19
C THR B 176 14.39 -3.69 -4.74
N VAL B 177 14.00 -2.78 -3.85
CA VAL B 177 13.90 -3.10 -2.41
C VAL B 177 12.49 -2.92 -1.91
N ALA B 178 11.62 -2.33 -2.71
CA ALA B 178 10.20 -2.25 -2.40
C ALA B 178 9.39 -2.09 -3.69
N LYS B 179 8.22 -2.70 -3.75
CA LYS B 179 7.38 -2.56 -4.91
C LYS B 179 5.95 -2.74 -4.48
N GLU B 180 5.14 -1.73 -4.77
CA GLU B 180 3.71 -1.77 -4.55
C GLU B 180 3.09 -1.23 -5.82
N TRP B 181 2.86 -2.16 -6.75
CA TRP B 181 2.52 -1.85 -8.13
C TRP B 181 1.74 -3.03 -8.73
N PRO B 182 0.44 -3.14 -8.42
CA PRO B 182 -0.43 -4.23 -8.91
C PRO B 182 -0.26 -4.40 -10.41
#